data_4YET
#
_entry.id   4YET
#
_cell.length_a   55.750
_cell.length_b   69.090
_cell.length_c   114.810
_cell.angle_alpha   90.000
_cell.angle_beta   90.000
_cell.angle_gamma   90.000
#
_symmetry.space_group_name_H-M   'P 21 21 21'
#
loop_
_entity.id
_entity.type
_entity.pdbx_description
1 polymer 'Superoxide dismutase'
2 non-polymer 'FE (III) ION'
3 water water
#
_entity_poly.entity_id   1
_entity_poly.type   'polypeptide(L)'
_entity_poly.pdbx_seq_one_letter_code
;GPGSMAFKLPALPYGMRELIPHISEETLSFHYGKHHAGYVNKLNSLIKGTPMESCTIEELILGQTGAVFNNAAQIWNHTF
YWNSMGPNCGGEPTGPIRKKIEEKFGSFSAFKTDFSNLLAGHFGSGWGWLVLKDDGTADIVQTHDAGSPLKENLGRPLLC
CDVWEHAYYIDYKNDRLSYINSWWNLVNWDFANKNLEAPFKWS
;
_entity_poly.pdbx_strand_id   A,B
#
loop_
_chem_comp.id
_chem_comp.type
_chem_comp.name
_chem_comp.formula
FE non-polymer 'FE (III) ION' 'Fe 3'
#
# COMPACT_ATOMS: atom_id res chain seq x y z
N ALA A 6 14.49 24.07 -2.46
CA ALA A 6 13.86 24.07 -3.78
C ALA A 6 12.33 24.05 -3.68
N PHE A 7 11.77 22.88 -3.39
CA PHE A 7 10.33 22.82 -3.13
C PHE A 7 10.08 22.95 -1.65
N LYS A 8 8.99 23.63 -1.29
CA LYS A 8 8.57 23.70 0.10
C LYS A 8 7.23 23.00 0.24
N LEU A 9 7.03 22.34 1.37
CA LEU A 9 5.75 21.74 1.71
C LEU A 9 4.70 22.83 1.95
N PRO A 10 3.61 22.83 1.18
CA PRO A 10 2.59 23.87 1.41
C PRO A 10 1.87 23.62 2.72
N ALA A 11 1.47 24.69 3.40
CA ALA A 11 0.82 24.56 4.70
C ALA A 11 -0.49 23.80 4.58
N LEU A 12 -0.82 23.02 5.61
CA LEU A 12 -2.16 22.45 5.70
C LEU A 12 -3.19 23.56 5.69
N PRO A 13 -4.35 23.34 5.05
CA PRO A 13 -5.41 24.35 5.03
C PRO A 13 -6.12 24.56 6.38
N TYR A 14 -5.79 23.75 7.39
CA TYR A 14 -6.50 23.79 8.67
C TYR A 14 -5.54 23.30 9.74
N GLY A 15 -5.91 23.49 11.02
CA GLY A 15 -5.13 23.00 12.14
C GLY A 15 -5.20 21.49 12.22
N MET A 16 -4.22 20.88 12.86
CA MET A 16 -4.17 19.43 12.87
C MET A 16 -5.21 18.78 13.79
N ARG A 17 -5.95 19.56 14.57
CA ARG A 17 -7.06 18.99 15.34
C ARG A 17 -8.43 19.26 14.70
N GLU A 18 -8.44 19.87 13.52
CA GLU A 18 -9.71 20.36 12.98
C GLU A 18 -10.50 19.34 12.16
N LEU A 19 -9.91 18.18 11.89
CA LEU A 19 -10.66 17.11 11.20
C LEU A 19 -11.20 16.06 12.17
N ILE A 20 -10.89 16.22 13.46
CA ILE A 20 -11.46 15.38 14.51
C ILE A 20 -12.98 15.54 14.46
N PRO A 21 -13.75 14.44 14.60
CA PRO A 21 -13.38 13.06 14.91
C PRO A 21 -13.21 12.17 13.68
N HIS A 22 -13.14 12.77 12.50
CA HIS A 22 -13.09 11.98 11.26
C HIS A 22 -11.68 11.52 10.90
N ILE A 23 -10.69 12.39 11.05
CA ILE A 23 -9.29 12.03 10.93
C ILE A 23 -8.59 12.62 12.14
N SER A 24 -7.77 11.84 12.84
CA SER A 24 -7.20 12.30 14.11
C SER A 24 -6.02 13.23 13.94
N GLU A 25 -5.70 13.92 15.03
CA GLU A 25 -4.47 14.70 15.12
C GLU A 25 -3.23 13.84 14.86
N GLU A 26 -3.21 12.64 15.44
CA GLU A 26 -2.06 11.75 15.25
C GLU A 26 -1.90 11.40 13.77
N THR A 27 -3.02 11.12 13.08
CA THR A 27 -2.94 10.80 11.65
C THR A 27 -2.35 11.95 10.85
N LEU A 28 -2.83 13.16 11.09
CA LEU A 28 -2.29 14.29 10.34
C LEU A 28 -0.81 14.50 10.68
N SER A 29 -0.41 14.26 11.93
CA SER A 29 0.98 14.49 12.31
CA SER A 29 0.98 14.45 12.34
CA SER A 29 0.98 14.46 12.33
C SER A 29 1.92 13.57 11.53
N PHE A 30 1.51 12.31 11.31
CA PHE A 30 2.34 11.41 10.51
C PHE A 30 2.12 11.59 9.02
N HIS A 31 0.86 11.67 8.61
CA HIS A 31 0.57 11.71 7.19
C HIS A 31 1.10 13.00 6.55
N TYR A 32 0.86 14.13 7.19
CA TYR A 32 1.38 15.40 6.69
C TYR A 32 2.83 15.59 7.12
N GLY A 33 3.08 15.47 8.43
CA GLY A 33 4.39 15.79 8.98
C GLY A 33 5.55 14.86 8.65
N LYS A 34 5.26 13.59 8.34
CA LYS A 34 6.30 12.63 8.00
C LYS A 34 6.20 12.19 6.54
N HIS A 35 5.04 11.70 6.10
CA HIS A 35 4.95 11.19 4.72
C HIS A 35 5.05 12.31 3.69
N HIS A 36 4.16 13.29 3.78
CA HIS A 36 4.13 14.36 2.80
C HIS A 36 5.43 15.16 2.85
N ALA A 37 5.87 15.51 4.05
CA ALA A 37 7.13 16.22 4.22
C ALA A 37 8.27 15.39 3.64
N GLY A 38 8.20 14.08 3.81
CA GLY A 38 9.22 13.18 3.30
C GLY A 38 9.33 13.19 1.79
N TYR A 39 8.20 13.30 1.10
CA TYR A 39 8.24 13.35 -0.37
C TYR A 39 8.90 14.65 -0.84
N VAL A 40 8.62 15.74 -0.14
CA VAL A 40 9.28 17.01 -0.46
C VAL A 40 10.79 16.89 -0.26
N ASN A 41 11.20 16.38 0.89
CA ASN A 41 12.62 16.25 1.21
C ASN A 41 13.35 15.33 0.23
N LYS A 42 12.72 14.21 -0.11
CA LYS A 42 13.32 13.26 -1.03
C LYS A 42 13.41 13.85 -2.45
N LEU A 43 12.34 14.49 -2.92
CA LEU A 43 12.41 15.10 -4.24
C LEU A 43 13.54 16.12 -4.32
N ASN A 44 13.63 16.99 -3.31
CA ASN A 44 14.66 18.01 -3.28
C ASN A 44 16.06 17.40 -3.36
N SER A 45 16.27 16.27 -2.68
CA SER A 45 17.56 15.61 -2.69
CA SER A 45 17.57 15.62 -2.68
C SER A 45 17.84 14.96 -4.04
N LEU A 46 16.80 14.49 -4.70
CA LEU A 46 16.94 13.84 -6.02
C LEU A 46 17.27 14.83 -7.12
N ILE A 47 16.72 16.04 -7.06
CA ILE A 47 16.91 16.96 -8.18
C ILE A 47 17.98 18.03 -7.96
N LYS A 48 18.52 18.11 -6.74
CA LYS A 48 19.50 19.13 -6.40
C LYS A 48 20.75 19.00 -7.28
N GLY A 49 21.15 20.11 -7.91
CA GLY A 49 22.33 20.11 -8.76
C GLY A 49 22.12 19.54 -10.15
N THR A 50 20.86 19.26 -10.50
CA THR A 50 20.53 18.67 -11.79
C THR A 50 19.67 19.66 -12.59
N PRO A 51 19.56 19.46 -13.92
CA PRO A 51 18.70 20.35 -14.71
C PRO A 51 17.21 20.31 -14.32
N MET A 52 16.82 19.32 -13.52
CA MET A 52 15.43 19.23 -13.05
C MET A 52 15.14 20.21 -11.92
N GLU A 53 16.19 20.82 -11.37
CA GLU A 53 16.04 21.68 -10.18
C GLU A 53 15.13 22.88 -10.41
N SER A 54 14.96 23.30 -11.67
CA SER A 54 14.13 24.47 -11.95
C SER A 54 12.77 24.10 -12.55
N CYS A 55 12.44 22.82 -12.59
CA CYS A 55 11.15 22.39 -13.12
C CYS A 55 10.03 22.64 -12.13
N THR A 56 8.83 22.88 -12.63
CA THR A 56 7.66 22.92 -11.76
C THR A 56 7.29 21.48 -11.37
N ILE A 57 6.48 21.33 -10.34
CA ILE A 57 6.00 20.02 -9.91
CA ILE A 57 6.06 20.01 -9.92
C ILE A 57 5.28 19.33 -11.06
N GLU A 58 4.41 20.08 -11.73
CA GLU A 58 3.64 19.52 -12.83
C GLU A 58 4.59 19.06 -13.94
N GLU A 59 5.65 19.83 -14.19
CA GLU A 59 6.59 19.46 -15.25
C GLU A 59 7.31 18.15 -14.93
N LEU A 60 7.60 17.95 -13.65
CA LEU A 60 8.28 16.72 -13.22
C LEU A 60 7.33 15.52 -13.35
N ILE A 61 6.07 15.73 -13.00
CA ILE A 61 5.05 14.70 -13.09
C ILE A 61 4.88 14.28 -14.56
N LEU A 62 4.83 15.25 -15.46
CA LEU A 62 4.59 14.96 -16.87
C LEU A 62 5.84 14.42 -17.58
N GLY A 63 7.03 14.79 -17.11
CA GLY A 63 8.23 14.49 -17.88
C GLY A 63 9.29 13.57 -17.28
N GLN A 64 9.02 13.02 -16.09
CA GLN A 64 9.96 12.11 -15.45
C GLN A 64 9.30 10.79 -15.07
N THR A 65 10.13 9.78 -14.82
CA THR A 65 9.64 8.49 -14.31
C THR A 65 10.43 8.12 -13.06
N GLY A 66 10.22 6.92 -12.54
CA GLY A 66 11.00 6.42 -11.42
C GLY A 66 10.81 7.25 -10.17
N ALA A 67 11.87 7.36 -9.37
CA ALA A 67 11.75 7.99 -8.04
C ALA A 67 11.38 9.48 -8.11
N VAL A 68 11.92 10.18 -9.10
CA VAL A 68 11.58 11.60 -9.26
C VAL A 68 10.07 11.73 -9.49
N PHE A 69 9.52 10.91 -10.40
CA PHE A 69 8.07 10.95 -10.62
C PHE A 69 7.31 10.61 -9.35
N ASN A 70 7.70 9.51 -8.68
CA ASN A 70 6.94 9.06 -7.52
C ASN A 70 6.84 10.16 -6.47
N ASN A 71 7.96 10.80 -6.17
CA ASN A 71 7.94 11.82 -5.14
C ASN A 71 7.21 13.08 -5.60
N ALA A 72 7.46 13.52 -6.84
CA ALA A 72 6.77 14.70 -7.36
C ALA A 72 5.25 14.51 -7.36
N ALA A 73 4.81 13.36 -7.89
CA ALA A 73 3.39 13.07 -7.95
C ALA A 73 2.75 12.97 -6.56
N GLN A 74 3.44 12.30 -5.64
CA GLN A 74 2.90 12.20 -4.27
C GLN A 74 2.82 13.56 -3.60
N ILE A 75 3.76 14.46 -3.90
CA ILE A 75 3.66 15.82 -3.34
C ILE A 75 2.37 16.49 -3.83
N TRP A 76 2.12 16.42 -5.13
CA TRP A 76 0.95 17.04 -5.73
C TRP A 76 -0.32 16.37 -5.21
N ASN A 77 -0.33 15.03 -5.24
CA ASN A 77 -1.51 14.27 -4.81
C ASN A 77 -1.90 14.59 -3.35
N HIS A 78 -0.91 14.69 -2.47
CA HIS A 78 -1.21 14.97 -1.07
C HIS A 78 -1.71 16.38 -0.87
N THR A 79 -1.11 17.34 -1.55
CA THR A 79 -1.62 18.72 -1.43
C THR A 79 -3.07 18.78 -1.91
N PHE A 80 -3.37 18.04 -2.97
CA PHE A 80 -4.73 17.99 -3.51
C PHE A 80 -5.68 17.35 -2.50
N TYR A 81 -5.20 16.29 -1.87
CA TYR A 81 -5.94 15.59 -0.82
C TYR A 81 -6.29 16.46 0.38
N TRP A 82 -5.32 17.22 0.90
CA TRP A 82 -5.64 18.10 2.03
C TRP A 82 -6.69 19.12 1.65
N ASN A 83 -6.62 19.64 0.44
CA ASN A 83 -7.59 20.65 -0.01
C ASN A 83 -8.97 20.07 -0.30
N SER A 84 -9.03 18.77 -0.57
CA SER A 84 -10.29 18.06 -0.83
C SER A 84 -11.09 17.83 0.44
N MET A 85 -10.53 18.18 1.58
CA MET A 85 -11.16 18.01 2.88
C MET A 85 -11.18 19.32 3.62
N GLY A 86 -12.04 19.39 4.63
CA GLY A 86 -12.01 20.54 5.52
C GLY A 86 -12.92 20.33 6.71
N PRO A 87 -12.72 21.13 7.76
CA PRO A 87 -13.65 21.20 8.87
C PRO A 87 -14.94 21.90 8.43
N ASN A 88 -16.09 21.54 9.01
CA ASN A 88 -17.35 22.18 8.66
C ASN A 88 -17.70 22.00 7.19
N CYS A 89 -17.30 20.87 6.63
CA CYS A 89 -17.62 20.53 5.25
C CYS A 89 -18.48 19.27 5.23
N GLY A 90 -18.25 18.39 4.25
CA GLY A 90 -19.01 17.15 4.15
C GLY A 90 -20.43 17.39 3.70
N GLY A 91 -21.31 16.45 4.01
CA GLY A 91 -22.72 16.59 3.67
C GLY A 91 -22.95 16.55 2.17
N GLU A 92 -24.13 17.01 1.75
CA GLU A 92 -24.52 16.94 0.34
C GLU A 92 -23.76 17.98 -0.49
N PRO A 93 -23.50 17.67 -1.76
CA PRO A 93 -22.77 18.61 -2.62
C PRO A 93 -23.53 19.90 -2.86
N THR A 94 -22.77 20.97 -3.08
CA THR A 94 -23.33 22.27 -3.34
C THR A 94 -22.75 22.82 -4.63
N GLY A 95 -23.42 23.82 -5.20
CA GLY A 95 -22.89 24.54 -6.34
C GLY A 95 -22.84 23.73 -7.60
N PRO A 96 -22.02 24.16 -8.57
CA PRO A 96 -21.93 23.50 -9.86
C PRO A 96 -21.58 22.01 -9.80
N ILE A 97 -20.83 21.57 -8.79
CA ILE A 97 -20.47 20.16 -8.74
C ILE A 97 -21.69 19.31 -8.40
N ARG A 98 -22.64 19.87 -7.64
CA ARG A 98 -23.89 19.17 -7.39
C ARG A 98 -24.57 18.86 -8.72
N LYS A 99 -24.61 19.86 -9.61
CA LYS A 99 -25.27 19.70 -10.90
C LYS A 99 -24.62 18.59 -11.70
N LYS A 100 -23.28 18.64 -11.82
CA LYS A 100 -22.57 17.62 -12.59
C LYS A 100 -22.71 16.22 -11.97
N ILE A 101 -22.72 16.14 -10.64
CA ILE A 101 -22.91 14.86 -9.96
CA ILE A 101 -22.90 14.86 -9.96
C ILE A 101 -24.29 14.28 -10.25
N GLU A 102 -25.33 15.10 -10.14
CA GLU A 102 -26.67 14.59 -10.38
C GLU A 102 -26.85 14.19 -11.86
N GLU A 103 -26.21 14.94 -12.76
CA GLU A 103 -26.30 14.63 -14.18
C GLU A 103 -25.66 13.27 -14.47
N LYS A 104 -24.46 13.04 -13.95
CA LYS A 104 -23.76 11.78 -14.24
C LYS A 104 -24.35 10.58 -13.49
N PHE A 105 -24.55 10.72 -12.18
CA PHE A 105 -24.88 9.59 -11.33
C PHE A 105 -26.35 9.52 -10.91
N GLY A 106 -27.14 10.51 -11.30
CA GLY A 106 -28.55 10.52 -10.99
C GLY A 106 -28.91 11.16 -9.65
N SER A 107 -28.15 10.84 -8.63
CA SER A 107 -28.38 11.35 -7.27
C SER A 107 -27.07 11.36 -6.53
N PHE A 108 -26.99 12.14 -5.47
CA PHE A 108 -25.80 12.09 -4.64
C PHE A 108 -25.63 10.73 -3.98
N SER A 109 -26.74 10.15 -3.51
CA SER A 109 -26.72 8.82 -2.91
CA SER A 109 -26.69 8.83 -2.90
C SER A 109 -26.03 7.80 -3.82
N ALA A 110 -26.41 7.82 -5.10
CA ALA A 110 -25.83 6.90 -6.08
C ALA A 110 -24.34 7.15 -6.28
N PHE A 111 -23.98 8.43 -6.40
CA PHE A 111 -22.57 8.83 -6.46
C PHE A 111 -21.77 8.33 -5.25
N LYS A 112 -22.31 8.53 -4.07
CA LYS A 112 -21.64 8.12 -2.85
C LYS A 112 -21.40 6.61 -2.83
N THR A 113 -22.38 5.83 -3.25
CA THR A 113 -22.20 4.39 -3.39
C THR A 113 -21.12 4.02 -4.41
N ASP A 114 -21.20 4.63 -5.59
CA ASP A 114 -20.26 4.31 -6.66
C ASP A 114 -18.83 4.70 -6.31
N PHE A 115 -18.65 5.89 -5.76
CA PHE A 115 -17.28 6.32 -5.41
C PHE A 115 -16.78 5.54 -4.19
N SER A 116 -17.66 5.30 -3.21
CA SER A 116 -17.24 4.47 -2.06
C SER A 116 -16.82 3.07 -2.51
N ASN A 117 -17.52 2.49 -3.47
CA ASN A 117 -17.14 1.16 -3.96
C ASN A 117 -15.79 1.21 -4.69
N LEU A 118 -15.55 2.27 -5.46
CA LEU A 118 -14.25 2.42 -6.12
C LEU A 118 -13.13 2.50 -5.07
N LEU A 119 -13.32 3.34 -4.06
CA LEU A 119 -12.30 3.53 -3.02
C LEU A 119 -12.07 2.25 -2.24
N ALA A 120 -13.16 1.55 -1.90
CA ALA A 120 -13.07 0.32 -1.12
C ALA A 120 -12.42 -0.81 -1.91
N GLY A 121 -12.59 -0.78 -3.22
CA GLY A 121 -12.15 -1.88 -4.05
C GLY A 121 -10.72 -1.79 -4.55
N HIS A 122 -10.06 -0.65 -4.30
CA HIS A 122 -8.71 -0.48 -4.83
C HIS A 122 -7.71 -1.37 -4.09
N PHE A 123 -7.05 -2.27 -4.83
CA PHE A 123 -6.13 -3.21 -4.21
C PHE A 123 -4.74 -2.61 -4.12
N GLY A 124 -4.12 -2.70 -2.95
CA GLY A 124 -2.80 -2.10 -2.75
C GLY A 124 -2.93 -0.58 -2.53
N SER A 125 -1.82 0.13 -2.73
CA SER A 125 -1.75 1.58 -2.45
C SER A 125 -2.27 2.36 -3.64
N GLY A 126 -3.05 3.40 -3.40
CA GLY A 126 -3.55 4.19 -4.51
C GLY A 126 -4.46 5.32 -4.11
N TRP A 127 -5.19 5.85 -5.08
CA TRP A 127 -5.98 7.09 -4.99
C TRP A 127 -7.29 6.94 -5.73
N GLY A 128 -8.36 7.51 -5.20
CA GLY A 128 -9.58 7.68 -5.97
C GLY A 128 -9.82 9.16 -6.28
N TRP A 129 -10.36 9.43 -7.46
CA TRP A 129 -10.52 10.80 -7.93
C TRP A 129 -11.91 11.05 -8.48
N LEU A 130 -12.46 12.22 -8.17
CA LEU A 130 -13.56 12.76 -8.92
C LEU A 130 -12.96 13.69 -9.95
N VAL A 131 -13.25 13.48 -11.24
CA VAL A 131 -12.67 14.29 -12.30
C VAL A 131 -13.71 14.95 -13.19
N LEU A 132 -13.26 15.97 -13.91
CA LEU A 132 -14.03 16.57 -14.99
C LEU A 132 -13.44 16.11 -16.32
N LYS A 133 -14.23 15.38 -17.10
CA LYS A 133 -13.76 14.89 -18.39
C LYS A 133 -13.82 15.96 -19.47
N ASP A 134 -13.14 15.73 -20.59
CA ASP A 134 -13.12 16.73 -21.65
C ASP A 134 -14.50 17.05 -22.23
N ASP A 135 -15.46 16.12 -22.11
CA ASP A 135 -16.81 16.39 -22.62
C ASP A 135 -17.64 17.19 -21.63
N GLY A 136 -17.00 17.60 -20.53
CA GLY A 136 -17.64 18.44 -19.52
C GLY A 136 -18.46 17.68 -18.50
N THR A 137 -18.34 16.35 -18.49
CA THR A 137 -19.11 15.55 -17.55
C THR A 137 -18.21 15.09 -16.40
N ALA A 138 -18.80 14.84 -15.25
CA ALA A 138 -18.05 14.31 -14.10
C ALA A 138 -17.87 12.81 -14.24
N ASP A 139 -16.78 12.29 -13.67
CA ASP A 139 -16.60 10.85 -13.61
C ASP A 139 -15.69 10.53 -12.45
N ILE A 140 -15.56 9.24 -12.16
CA ILE A 140 -14.68 8.80 -11.08
C ILE A 140 -13.65 7.86 -11.67
N VAL A 141 -12.41 7.98 -11.20
CA VAL A 141 -11.31 7.17 -11.71
C VAL A 141 -10.40 6.81 -10.55
N GLN A 142 -9.52 5.85 -10.76
CA GLN A 142 -8.53 5.54 -9.73
C GLN A 142 -7.14 5.58 -10.33
N THR A 143 -6.14 5.84 -9.47
CA THR A 143 -4.74 5.67 -9.85
C THR A 143 -4.07 4.79 -8.80
N HIS A 144 -2.95 4.18 -9.19
CA HIS A 144 -2.26 3.23 -8.34
C HIS A 144 -0.93 3.84 -7.88
N ASP A 145 -0.55 3.55 -6.64
CA ASP A 145 0.71 4.05 -6.06
C ASP A 145 0.78 5.58 -6.16
N ALA A 146 1.71 6.14 -6.94
CA ALA A 146 1.77 7.62 -7.07
C ALA A 146 1.07 8.10 -8.34
N GLY A 147 0.37 7.20 -9.02
CA GLY A 147 -0.23 7.54 -10.30
C GLY A 147 -1.00 8.86 -10.28
N SER A 148 -0.86 9.62 -11.35
CA SER A 148 -1.45 10.96 -11.46
C SER A 148 -2.45 11.03 -12.60
N PRO A 149 -3.65 11.59 -12.35
CA PRO A 149 -4.63 11.83 -13.41
CA PRO A 149 -4.61 11.80 -13.44
C PRO A 149 -4.08 12.78 -14.47
N LEU A 150 -3.13 13.62 -14.06
CA LEU A 150 -2.49 14.54 -15.01
C LEU A 150 -1.67 13.77 -16.03
N LYS A 151 -0.84 12.85 -15.55
CA LYS A 151 0.05 12.08 -16.41
C LYS A 151 -0.75 11.08 -17.26
N GLU A 152 -1.78 10.47 -16.67
CA GLU A 152 -2.55 9.43 -17.38
C GLU A 152 -3.74 10.01 -18.17
N ASN A 153 -3.86 11.33 -18.17
CA ASN A 153 -4.91 12.02 -18.95
CA ASN A 153 -4.92 12.05 -18.91
C ASN A 153 -6.31 11.51 -18.62
N LEU A 154 -6.63 11.39 -17.33
CA LEU A 154 -7.91 10.86 -16.89
C LEU A 154 -8.97 11.92 -16.70
N GLY A 155 -8.61 13.18 -16.93
CA GLY A 155 -9.53 14.28 -16.72
C GLY A 155 -8.97 15.23 -15.67
N ARG A 156 -9.65 16.34 -15.48
CA ARG A 156 -9.18 17.35 -14.54
C ARG A 156 -9.58 16.97 -13.14
N PRO A 157 -8.61 16.84 -12.22
CA PRO A 157 -8.94 16.45 -10.85
C PRO A 157 -9.85 17.46 -10.16
N LEU A 158 -10.90 16.97 -9.50
CA LEU A 158 -11.76 17.85 -8.73
C LEU A 158 -11.67 17.57 -7.22
N LEU A 159 -11.65 16.30 -6.86
CA LEU A 159 -11.42 15.87 -5.47
C LEU A 159 -10.65 14.57 -5.48
N CYS A 160 -9.91 14.30 -4.41
CA CYS A 160 -9.33 12.95 -4.28
C CYS A 160 -9.42 12.43 -2.86
N CYS A 161 -9.31 11.11 -2.77
CA CYS A 161 -9.25 10.41 -1.50
C CYS A 161 -8.09 9.42 -1.56
N ASP A 162 -7.15 9.59 -0.64
CA ASP A 162 -5.98 8.72 -0.48
C ASP A 162 -6.40 7.38 0.14
N VAL A 163 -6.07 6.25 -0.51
CA VAL A 163 -6.37 4.97 0.14
C VAL A 163 -5.11 4.14 0.37
N TRP A 164 -3.94 4.77 0.30
CA TRP A 164 -2.76 4.18 0.92
C TRP A 164 -3.11 3.87 2.36
N GLU A 165 -2.58 2.76 2.87
CA GLU A 165 -2.95 2.34 4.22
C GLU A 165 -2.53 3.36 5.29
N HIS A 166 -1.43 4.08 5.09
CA HIS A 166 -1.04 5.10 6.07
C HIS A 166 -2.08 6.22 6.22
N ALA A 167 -2.98 6.40 5.26
CA ALA A 167 -4.00 7.44 5.36
C ALA A 167 -5.00 7.12 6.45
N TYR A 168 -5.16 5.85 6.76
CA TYR A 168 -6.22 5.48 7.71
C TYR A 168 -5.84 4.49 8.80
N TYR A 169 -4.64 3.91 8.74
CA TYR A 169 -4.37 2.78 9.63
C TYR A 169 -4.37 3.16 11.10
N ILE A 170 -3.89 4.36 11.42
CA ILE A 170 -3.86 4.80 12.82
C ILE A 170 -5.26 4.82 13.43
N ASP A 171 -6.21 5.31 12.65
CA ASP A 171 -7.55 5.56 13.15
C ASP A 171 -8.50 4.38 12.93
N TYR A 172 -8.29 3.63 11.85
CA TYR A 172 -9.29 2.64 11.42
C TYR A 172 -8.70 1.25 11.20
N LYS A 173 -7.38 1.13 11.32
CA LYS A 173 -6.69 -0.14 11.06
C LYS A 173 -7.12 -0.67 9.69
N ASN A 174 -7.49 -1.95 9.63
CA ASN A 174 -7.88 -2.57 8.37
C ASN A 174 -9.20 -2.04 7.78
N ASP A 175 -9.97 -1.32 8.58
CA ASP A 175 -11.35 -0.95 8.20
C ASP A 175 -11.40 0.26 7.26
N ARG A 176 -11.00 0.07 6.00
CA ARG A 176 -11.00 1.16 5.05
C ARG A 176 -12.41 1.72 4.82
N LEU A 177 -13.41 0.85 4.88
CA LEU A 177 -14.79 1.31 4.71
C LEU A 177 -15.19 2.39 5.72
N SER A 178 -14.77 2.25 6.97
CA SER A 178 -15.10 3.26 7.98
CA SER A 178 -15.06 3.24 8.01
C SER A 178 -14.35 4.55 7.73
N TYR A 179 -13.11 4.44 7.26
CA TYR A 179 -12.36 5.61 6.85
C TYR A 179 -13.07 6.33 5.70
N ILE A 180 -13.53 5.57 4.72
CA ILE A 180 -14.20 6.17 3.56
C ILE A 180 -15.47 6.90 4.02
N ASN A 181 -16.22 6.28 4.91
CA ASN A 181 -17.43 6.93 5.42
CA ASN A 181 -17.42 6.91 5.46
C ASN A 181 -17.08 8.22 6.17
N SER A 182 -15.97 8.22 6.91
CA SER A 182 -15.52 9.44 7.56
C SER A 182 -15.07 10.50 6.57
N TRP A 183 -14.46 10.06 5.47
CA TRP A 183 -14.01 11.01 4.46
C TRP A 183 -15.20 11.79 3.91
N TRP A 184 -16.35 11.14 3.75
CA TRP A 184 -17.54 11.85 3.26
C TRP A 184 -17.98 12.97 4.20
N ASN A 185 -17.68 12.83 5.50
CA ASN A 185 -17.98 13.88 6.45
C ASN A 185 -17.01 15.07 6.35
N LEU A 186 -15.96 14.90 5.55
CA LEU A 186 -14.94 15.94 5.42
C LEU A 186 -14.86 16.58 4.04
N VAL A 187 -15.54 15.99 3.05
CA VAL A 187 -15.43 16.42 1.66
CA VAL A 187 -15.34 16.40 1.67
C VAL A 187 -15.63 17.90 1.48
N ASN A 188 -14.69 18.57 0.84
CA ASN A 188 -14.77 20.02 0.66
C ASN A 188 -15.36 20.35 -0.70
N TRP A 189 -16.67 20.54 -0.78
CA TRP A 189 -17.26 20.80 -2.09
C TRP A 189 -16.80 22.12 -2.67
N ASP A 190 -16.40 23.07 -1.82
CA ASP A 190 -15.91 24.36 -2.32
C ASP A 190 -14.65 24.17 -3.17
N PHE A 191 -13.79 23.24 -2.79
CA PHE A 191 -12.58 22.96 -3.58
C PHE A 191 -12.96 22.37 -4.94
N ALA A 192 -13.90 21.43 -4.95
CA ALA A 192 -14.38 20.85 -6.21
C ALA A 192 -14.89 21.95 -7.12
N ASN A 193 -15.69 22.85 -6.58
CA ASN A 193 -16.22 23.94 -7.42
C ASN A 193 -15.15 24.90 -7.91
N LYS A 194 -14.14 25.18 -7.09
CA LYS A 194 -12.99 25.96 -7.57
C LYS A 194 -12.30 25.27 -8.73
N ASN A 195 -12.11 23.96 -8.62
CA ASN A 195 -11.46 23.20 -9.68
C ASN A 195 -12.31 23.12 -10.95
N LEU A 196 -13.63 23.26 -10.82
CA LEU A 196 -14.48 23.38 -12.01
C LEU A 196 -14.22 24.69 -12.74
N GLU A 197 -13.96 25.76 -11.99
CA GLU A 197 -13.76 27.07 -12.62
C GLU A 197 -12.41 27.12 -13.31
N ALA A 198 -11.40 26.50 -12.70
CA ALA A 198 -10.04 26.46 -13.24
C ALA A 198 -9.24 25.36 -12.56
N PRO A 199 -8.42 24.63 -13.33
CA PRO A 199 -7.64 23.52 -12.77
C PRO A 199 -6.75 23.98 -11.63
N PHE A 200 -6.66 23.16 -10.58
CA PHE A 200 -5.73 23.40 -9.49
C PHE A 200 -4.30 23.53 -10.00
N LYS A 201 -3.61 24.56 -9.52
CA LYS A 201 -2.18 24.71 -9.78
C LYS A 201 -1.43 24.64 -8.45
N TRP A 202 -0.49 23.72 -8.35
CA TRP A 202 0.21 23.48 -7.09
C TRP A 202 1.10 24.68 -6.76
N SER A 203 1.18 25.01 -5.48
CA SER A 203 2.09 26.04 -5.02
C SER A 203 2.44 25.82 -3.54
N SER B 4 -17.36 -29.18 2.92
CA SER B 4 -17.02 -27.90 2.32
C SER B 4 -15.68 -27.95 1.59
N MET B 5 -15.64 -27.34 0.40
CA MET B 5 -14.40 -27.28 -0.37
C MET B 5 -13.61 -26.02 -0.04
N ALA B 6 -14.14 -25.20 0.86
CA ALA B 6 -13.57 -23.88 1.11
C ALA B 6 -12.11 -23.94 1.56
N PHE B 7 -11.34 -22.95 1.14
CA PHE B 7 -9.99 -22.80 1.68
C PHE B 7 -10.05 -22.45 3.16
N LYS B 8 -9.11 -23.00 3.93
CA LYS B 8 -9.02 -22.69 5.33
C LYS B 8 -7.72 -21.94 5.61
N LEU B 9 -7.78 -21.00 6.53
CA LEU B 9 -6.60 -20.27 6.96
C LEU B 9 -5.71 -21.17 7.80
N PRO B 10 -4.46 -21.39 7.38
CA PRO B 10 -3.58 -22.21 8.21
C PRO B 10 -3.26 -21.51 9.53
N ALA B 11 -3.10 -22.28 10.61
CA ALA B 11 -2.84 -21.71 11.93
C ALA B 11 -1.56 -20.89 11.93
N LEU B 12 -1.54 -19.82 12.72
CA LEU B 12 -0.30 -19.09 12.95
C LEU B 12 0.67 -20.05 13.66
N PRO B 13 1.98 -20.00 13.35
CA PRO B 13 2.91 -20.99 13.94
C PRO B 13 3.25 -20.71 15.41
N TYR B 14 2.68 -19.65 15.98
CA TYR B 14 2.99 -19.20 17.34
C TYR B 14 1.80 -18.38 17.84
N GLY B 15 1.79 -18.11 19.14
CA GLY B 15 0.74 -17.27 19.71
C GLY B 15 0.98 -15.81 19.38
N MET B 16 -0.03 -14.97 19.55
CA MET B 16 0.07 -13.60 19.03
C MET B 16 0.99 -12.69 19.86
N ARG B 17 1.45 -13.15 21.02
CA ARG B 17 2.38 -12.35 21.82
C ARG B 17 3.85 -12.80 21.65
N GLU B 18 4.09 -13.82 20.82
CA GLU B 18 5.42 -14.43 20.83
C GLU B 18 6.49 -13.70 20.01
N LEU B 19 6.10 -12.71 19.22
CA LEU B 19 7.08 -11.94 18.44
C LEU B 19 7.46 -10.60 19.10
N ILE B 20 6.88 -10.33 20.27
CA ILE B 20 7.26 -9.18 21.09
C ILE B 20 8.74 -9.24 21.47
N PRO B 21 9.45 -8.10 21.47
CA PRO B 21 9.06 -6.70 21.22
C PRO B 21 9.19 -6.30 19.76
N HIS B 22 9.39 -7.27 18.87
CA HIS B 22 9.73 -6.93 17.50
C HIS B 22 8.49 -6.64 16.64
N ILE B 23 7.48 -7.49 16.80
CA ILE B 23 6.15 -7.31 16.22
CA ILE B 23 6.15 -7.26 16.23
C ILE B 23 5.16 -7.48 17.35
N SER B 24 4.25 -6.52 17.53
CA SER B 24 3.34 -6.57 18.69
C SER B 24 2.19 -7.54 18.57
N GLU B 25 1.54 -7.77 19.70
CA GLU B 25 0.31 -8.52 19.76
C GLU B 25 -0.73 -7.89 18.87
N GLU B 26 -0.84 -6.58 18.96
CA GLU B 26 -1.87 -5.86 18.21
C GLU B 26 -1.63 -6.04 16.71
N THR B 27 -0.37 -5.96 16.27
CA THR B 27 -0.10 -6.19 14.87
C THR B 27 -0.50 -7.60 14.43
N LEU B 28 -0.12 -8.63 15.18
CA LEU B 28 -0.49 -9.98 14.77
C LEU B 28 -2.02 -10.15 14.78
N SER B 29 -2.67 -9.54 15.77
CA SER B 29 -4.12 -9.62 15.86
C SER B 29 -4.80 -9.11 14.61
N PHE B 30 -4.32 -7.99 14.06
CA PHE B 30 -4.92 -7.44 12.85
C PHE B 30 -4.33 -8.04 11.57
N HIS B 31 -3.03 -8.28 11.56
CA HIS B 31 -2.39 -8.72 10.32
C HIS B 31 -2.86 -10.15 10.00
N TYR B 32 -2.83 -11.02 11.00
CA TYR B 32 -3.33 -12.38 10.81
C TYR B 32 -4.85 -12.43 10.93
N GLY B 33 -5.37 -11.84 12.00
CA GLY B 33 -6.77 -12.01 12.34
C GLY B 33 -7.75 -11.26 11.46
N LYS B 34 -7.30 -10.17 10.83
CA LYS B 34 -8.16 -9.43 9.93
C LYS B 34 -7.72 -9.52 8.48
N HIS B 35 -6.46 -9.17 8.18
CA HIS B 35 -6.03 -9.13 6.79
C HIS B 35 -5.94 -10.53 6.20
N HIS B 36 -5.16 -11.41 6.82
CA HIS B 36 -4.96 -12.75 6.26
C HIS B 36 -6.27 -13.53 6.26
N ALA B 37 -7.02 -13.48 7.36
CA ALA B 37 -8.32 -14.12 7.44
C ALA B 37 -9.24 -13.58 6.35
N GLY B 38 -9.11 -12.27 6.10
CA GLY B 38 -9.90 -11.59 5.09
C GLY B 38 -9.65 -12.09 3.68
N TYR B 39 -8.38 -12.34 3.36
CA TYR B 39 -8.04 -12.86 2.04
C TYR B 39 -8.68 -14.23 1.81
N VAL B 40 -8.69 -15.05 2.85
CA VAL B 40 -9.27 -16.39 2.73
C VAL B 40 -10.77 -16.27 2.51
N ASN B 41 -11.42 -15.42 3.31
CA ASN B 41 -12.86 -15.28 3.17
C ASN B 41 -13.24 -14.72 1.79
N LYS B 42 -12.45 -13.76 1.31
CA LYS B 42 -12.75 -13.16 0.01
C LYS B 42 -12.52 -14.15 -1.12
N LEU B 43 -11.43 -14.92 -1.06
CA LEU B 43 -11.19 -15.91 -2.10
C LEU B 43 -12.35 -16.91 -2.16
N ASN B 44 -12.76 -17.40 -1.00
CA ASN B 44 -13.87 -18.35 -0.97
C ASN B 44 -15.13 -17.74 -1.56
N SER B 45 -15.39 -16.48 -1.25
CA SER B 45 -16.56 -15.80 -1.79
C SER B 45 -16.50 -15.77 -3.31
N LEU B 46 -15.30 -15.52 -3.85
CA LEU B 46 -15.11 -15.35 -5.29
C LEU B 46 -15.22 -16.66 -6.07
N ILE B 47 -14.84 -17.78 -5.46
CA ILE B 47 -14.79 -19.03 -6.22
C ILE B 47 -15.86 -20.05 -5.83
N LYS B 48 -16.67 -19.73 -4.81
CA LYS B 48 -17.80 -20.56 -4.43
C LYS B 48 -18.69 -20.86 -5.63
N GLY B 49 -19.01 -22.13 -5.83
CA GLY B 49 -19.91 -22.52 -6.91
C GLY B 49 -19.34 -22.45 -8.31
N THR B 50 -18.05 -22.13 -8.42
CA THR B 50 -17.40 -22.03 -9.71
C THR B 50 -16.51 -23.24 -9.92
N PRO B 51 -16.05 -23.48 -11.16
CA PRO B 51 -15.15 -24.61 -11.33
C PRO B 51 -13.79 -24.44 -10.63
N MET B 52 -13.48 -23.21 -10.21
CA MET B 52 -12.22 -22.93 -9.53
C MET B 52 -12.22 -23.48 -8.10
N GLU B 53 -13.39 -23.91 -7.64
CA GLU B 53 -13.57 -24.38 -6.29
C GLU B 53 -12.60 -25.49 -5.90
N SER B 54 -12.26 -26.35 -6.87
CA SER B 54 -11.41 -27.51 -6.58
C SER B 54 -9.94 -27.30 -6.95
N CYS B 55 -9.56 -26.08 -7.28
CA CYS B 55 -8.15 -25.79 -7.58
C CYS B 55 -7.32 -25.68 -6.30
N THR B 56 -6.06 -26.06 -6.38
CA THR B 56 -5.13 -25.76 -5.29
C THR B 56 -4.80 -24.26 -5.34
N ILE B 57 -4.29 -23.75 -4.22
CA ILE B 57 -3.95 -22.34 -4.16
CA ILE B 57 -3.90 -22.35 -4.13
C ILE B 57 -2.87 -22.02 -5.19
N GLU B 58 -1.91 -22.94 -5.39
CA GLU B 58 -0.87 -22.70 -6.39
C GLU B 58 -1.45 -22.69 -7.79
N GLU B 59 -2.43 -23.55 -8.05
CA GLU B 59 -3.08 -23.54 -9.36
C GLU B 59 -3.80 -22.20 -9.63
N LEU B 60 -4.44 -21.64 -8.62
CA LEU B 60 -5.10 -20.34 -8.78
C LEU B 60 -4.07 -19.22 -9.02
N ILE B 61 -2.97 -19.28 -8.29
CA ILE B 61 -1.92 -18.29 -8.47
C ILE B 61 -1.34 -18.36 -9.89
N LEU B 62 -1.16 -19.56 -10.40
CA LEU B 62 -0.55 -19.70 -11.73
C LEU B 62 -1.53 -19.45 -12.85
N GLY B 63 -2.82 -19.72 -12.61
CA GLY B 63 -3.79 -19.77 -13.68
C GLY B 63 -4.82 -18.64 -13.73
N GLN B 64 -4.95 -17.88 -12.66
CA GLN B 64 -5.99 -16.85 -12.61
C GLN B 64 -5.40 -15.45 -12.61
N THR B 65 -6.25 -14.47 -12.89
CA THR B 65 -5.86 -13.07 -12.83
C THR B 65 -6.86 -12.33 -11.95
N GLY B 66 -6.69 -11.01 -11.82
CA GLY B 66 -7.64 -10.19 -11.10
C GLY B 66 -7.78 -10.50 -9.62
N ALA B 67 -9.00 -10.31 -9.10
CA ALA B 67 -9.25 -10.45 -7.67
C ALA B 67 -8.97 -11.87 -7.19
N VAL B 68 -9.26 -12.88 -8.01
CA VAL B 68 -8.98 -14.26 -7.59
C VAL B 68 -7.47 -14.45 -7.39
N PHE B 69 -6.68 -14.00 -8.36
CA PHE B 69 -5.22 -14.01 -8.19
C PHE B 69 -4.79 -13.25 -6.94
N ASN B 70 -5.28 -12.02 -6.80
CA ASN B 70 -4.80 -11.16 -5.71
C ASN B 70 -5.03 -11.81 -4.36
N ASN B 71 -6.22 -12.36 -4.16
CA ASN B 71 -6.50 -13.00 -2.91
C ASN B 71 -5.74 -14.33 -2.73
N ALA B 72 -5.70 -15.19 -3.75
CA ALA B 72 -4.99 -16.45 -3.63
C ALA B 72 -3.50 -16.20 -3.32
N ALA B 73 -2.90 -15.26 -4.04
CA ALA B 73 -1.49 -14.96 -3.85
C ALA B 73 -1.21 -14.37 -2.47
N GLN B 74 -2.08 -13.48 -2.01
CA GLN B 74 -1.89 -12.95 -0.66
C GLN B 74 -2.06 -14.02 0.42
N ILE B 75 -2.96 -14.98 0.20
CA ILE B 75 -3.10 -16.07 1.17
C ILE B 75 -1.77 -16.81 1.28
N TRP B 76 -1.20 -17.15 0.12
CA TRP B 76 0.06 -17.88 0.06
C TRP B 76 1.19 -17.05 0.67
N ASN B 77 1.29 -15.79 0.23
CA ASN B 77 2.40 -14.94 0.68
C ASN B 77 2.37 -14.76 2.19
N HIS B 78 1.20 -14.57 2.78
CA HIS B 78 1.14 -14.38 4.23
C HIS B 78 1.50 -15.67 4.99
N THR B 79 1.02 -16.82 4.55
CA THR B 79 1.41 -18.07 5.21
C THR B 79 2.93 -18.22 5.17
N PHE B 80 3.54 -17.89 4.03
CA PHE B 80 4.99 -17.98 3.89
C PHE B 80 5.69 -17.00 4.84
N TYR B 81 5.14 -15.80 4.96
CA TYR B 81 5.63 -14.78 5.86
C TYR B 81 5.62 -15.21 7.32
N TRP B 82 4.52 -15.80 7.81
CA TRP B 82 4.49 -16.20 9.22
C TRP B 82 5.54 -17.27 9.49
N ASN B 83 5.75 -18.16 8.53
CA ASN B 83 6.73 -19.23 8.70
C ASN B 83 8.18 -18.74 8.59
N SER B 84 8.36 -17.59 7.95
CA SER B 84 9.69 -16.99 7.76
C SER B 84 10.17 -16.33 9.04
N MET B 85 9.29 -16.26 10.03
CA MET B 85 9.58 -15.65 11.32
C MET B 85 9.30 -16.61 12.46
N GLY B 86 9.80 -16.27 13.63
CA GLY B 86 9.43 -17.04 14.80
C GLY B 86 10.02 -16.46 16.06
N PRO B 87 9.52 -16.92 17.20
CA PRO B 87 10.14 -16.58 18.48
C PRO B 87 11.45 -17.37 18.59
N ASN B 88 12.42 -16.85 19.31
CA ASN B 88 13.64 -17.62 19.52
C ASN B 88 14.40 -17.92 18.23
N CYS B 89 14.33 -17.00 17.27
CA CYS B 89 15.01 -17.15 15.98
C CYS B 89 15.96 -15.98 15.77
N GLY B 90 16.07 -15.48 14.54
CA GLY B 90 16.91 -14.33 14.29
C GLY B 90 18.39 -14.67 14.34
N GLY B 91 19.24 -13.67 14.55
CA GLY B 91 20.67 -13.92 14.64
C GLY B 91 21.28 -14.38 13.32
N GLU B 92 22.49 -14.95 13.40
CA GLU B 92 23.20 -15.40 12.21
C GLU B 92 22.55 -16.64 11.59
N PRO B 93 22.57 -16.73 10.26
CA PRO B 93 22.10 -17.95 9.58
C PRO B 93 22.95 -19.14 9.98
N THR B 94 22.33 -20.31 10.04
CA THR B 94 23.00 -21.58 10.33
C THR B 94 22.65 -22.57 9.24
N GLY B 95 23.49 -23.60 9.07
CA GLY B 95 23.17 -24.69 8.16
C GLY B 95 23.32 -24.33 6.69
N PRO B 96 22.65 -25.08 5.81
CA PRO B 96 22.80 -24.85 4.37
C PRO B 96 22.55 -23.42 3.90
N ILE B 97 21.59 -22.72 4.51
CA ILE B 97 21.30 -21.37 4.06
C ILE B 97 22.47 -20.41 4.34
N ARG B 98 23.25 -20.68 5.37
CA ARG B 98 24.42 -19.86 5.65
C ARG B 98 25.41 -19.95 4.50
N LYS B 99 25.67 -21.18 4.03
CA LYS B 99 26.56 -21.38 2.89
C LYS B 99 26.06 -20.67 1.63
N LYS B 100 24.77 -20.79 1.34
CA LYS B 100 24.21 -20.15 0.15
C LYS B 100 24.36 -18.62 0.21
N ILE B 101 24.11 -18.07 1.40
CA ILE B 101 24.21 -16.63 1.61
C ILE B 101 25.67 -16.18 1.42
N GLU B 102 26.61 -16.92 1.98
CA GLU B 102 28.01 -16.53 1.82
C GLU B 102 28.47 -16.65 0.37
N GLU B 103 28.01 -17.68 -0.32
CA GLU B 103 28.38 -17.91 -1.72
C GLU B 103 27.91 -16.79 -2.64
N LYS B 104 26.75 -16.20 -2.33
CA LYS B 104 26.20 -15.11 -3.13
C LYS B 104 26.65 -13.73 -2.66
N PHE B 105 26.64 -13.48 -1.36
CA PHE B 105 26.85 -12.12 -0.85
C PHE B 105 28.22 -11.91 -0.20
N GLY B 106 28.92 -13.00 0.07
CA GLY B 106 30.24 -12.93 0.71
C GLY B 106 30.19 -13.06 2.21
N SER B 107 29.07 -12.63 2.80
CA SER B 107 28.94 -12.58 4.25
C SER B 107 27.50 -12.33 4.61
N PHE B 108 27.10 -12.72 5.82
CA PHE B 108 25.78 -12.40 6.30
C PHE B 108 25.56 -10.88 6.33
N SER B 109 26.57 -10.14 6.76
CA SER B 109 26.38 -8.70 6.89
C SER B 109 26.05 -8.05 5.53
N ALA B 110 26.73 -8.49 4.47
CA ALA B 110 26.42 -7.99 3.13
C ALA B 110 25.01 -8.34 2.70
N PHE B 111 24.57 -9.57 2.99
CA PHE B 111 23.18 -9.95 2.71
C PHE B 111 22.19 -9.05 3.46
N LYS B 112 22.47 -8.84 4.74
CA LYS B 112 21.59 -8.00 5.56
C LYS B 112 21.50 -6.59 4.97
N THR B 113 22.63 -6.02 4.56
CA THR B 113 22.65 -4.72 3.90
C THR B 113 21.81 -4.69 2.62
N ASP B 114 22.08 -5.64 1.72
CA ASP B 114 21.38 -5.68 0.43
C ASP B 114 19.87 -5.92 0.61
N PHE B 115 19.52 -6.89 1.45
CA PHE B 115 18.09 -7.19 1.60
C PHE B 115 17.35 -6.08 2.35
N SER B 116 18.00 -5.46 3.34
CA SER B 116 17.40 -4.32 4.04
C SER B 116 17.15 -3.18 3.06
N ASN B 117 18.12 -2.89 2.21
CA ASN B 117 17.97 -1.84 1.21
C ASN B 117 16.83 -2.16 0.24
N LEU B 118 16.70 -3.42 -0.16
CA LEU B 118 15.62 -3.81 -1.06
C LEU B 118 14.26 -3.60 -0.37
N LEU B 119 14.16 -4.05 0.87
CA LEU B 119 12.91 -3.90 1.60
C LEU B 119 12.57 -2.43 1.82
N ALA B 120 13.58 -1.65 2.18
CA ALA B 120 13.38 -0.22 2.46
C ALA B 120 13.03 0.56 1.21
N GLY B 121 13.49 0.09 0.06
CA GLY B 121 13.36 0.82 -1.19
C GLY B 121 12.06 0.59 -1.93
N HIS B 122 11.28 -0.40 -1.53
CA HIS B 122 10.13 -0.77 -2.32
C HIS B 122 9.03 0.28 -2.18
N PHE B 123 8.60 0.86 -3.30
CA PHE B 123 7.61 1.92 -3.29
C PHE B 123 6.21 1.35 -3.34
N GLY B 124 5.34 1.82 -2.43
CA GLY B 124 3.98 1.27 -2.37
C GLY B 124 3.97 -0.09 -1.67
N SER B 125 2.95 -0.88 -1.96
CA SER B 125 2.73 -2.14 -1.25
C SER B 125 3.50 -3.26 -1.93
N GLY B 126 4.11 -4.15 -1.15
CA GLY B 126 4.83 -5.26 -1.75
C GLY B 126 5.57 -6.15 -0.78
N TRP B 127 6.52 -6.93 -1.32
CA TRP B 127 7.18 -8.04 -0.64
C TRP B 127 8.64 -8.11 -1.04
N GLY B 128 9.51 -8.46 -0.09
CA GLY B 128 10.88 -8.84 -0.42
C GLY B 128 11.06 -10.34 -0.21
N TRP B 129 11.84 -10.99 -1.07
CA TRP B 129 12.02 -12.44 -1.05
C TRP B 129 13.50 -12.81 -1.13
N LEU B 130 13.91 -13.77 -0.32
CA LEU B 130 15.13 -14.50 -0.57
C LEU B 130 14.73 -15.75 -1.36
N VAL B 131 15.33 -15.98 -2.52
CA VAL B 131 14.97 -17.13 -3.36
C VAL B 131 16.17 -18.00 -3.72
N LEU B 132 15.90 -19.24 -4.08
CA LEU B 132 16.87 -20.11 -4.73
C LEU B 132 16.62 -20.13 -6.24
N LYS B 133 17.57 -19.61 -7.01
CA LYS B 133 17.42 -19.59 -8.45
C LYS B 133 17.67 -20.95 -9.06
N ASP B 134 17.31 -21.09 -10.35
CA ASP B 134 17.45 -22.37 -11.04
C ASP B 134 18.90 -22.81 -11.13
N ASP B 135 19.83 -21.86 -11.17
CA ASP B 135 21.24 -22.25 -11.22
C ASP B 135 21.78 -22.68 -9.85
N GLY B 136 20.90 -22.72 -8.85
CA GLY B 136 21.29 -23.18 -7.54
C GLY B 136 21.87 -22.14 -6.60
N THR B 137 21.88 -20.88 -7.03
CA THR B 137 22.43 -19.83 -6.19
C THR B 137 21.28 -19.03 -5.56
N ALA B 138 21.56 -18.42 -4.41
CA ALA B 138 20.57 -17.58 -3.75
C ALA B 138 20.50 -16.20 -4.38
N ASP B 139 19.35 -15.55 -4.27
CA ASP B 139 19.26 -14.16 -4.68
C ASP B 139 18.10 -13.49 -3.97
N ILE B 140 18.03 -12.17 -4.08
CA ILE B 140 16.92 -11.41 -3.51
C ILE B 140 16.13 -10.74 -4.63
N VAL B 141 14.81 -10.72 -4.44
CA VAL B 141 13.92 -10.19 -5.46
C VAL B 141 12.77 -9.51 -4.73
N GLN B 142 12.06 -8.64 -5.42
CA GLN B 142 10.88 -8.03 -4.82
C GLN B 142 9.68 -8.30 -5.70
N THR B 143 8.49 -8.31 -5.09
CA THR B 143 7.26 -8.30 -5.86
C THR B 143 6.39 -7.17 -5.34
N HIS B 144 5.49 -6.72 -6.19
CA HIS B 144 4.59 -5.60 -5.90
C HIS B 144 3.16 -6.09 -5.63
N ASP B 145 2.49 -5.43 -4.68
CA ASP B 145 1.12 -5.76 -4.34
C ASP B 145 0.99 -7.21 -3.90
N ALA B 146 0.26 -8.04 -4.66
CA ALA B 146 0.15 -9.47 -4.35
C ALA B 146 1.14 -10.31 -5.15
N GLY B 147 2.05 -9.66 -5.86
CA GLY B 147 2.95 -10.36 -6.77
C GLY B 147 3.60 -11.58 -6.15
N SER B 148 3.67 -12.63 -6.95
CA SER B 148 4.14 -13.94 -6.50
C SER B 148 5.41 -14.38 -7.25
N PRO B 149 6.46 -14.80 -6.52
CA PRO B 149 7.62 -15.43 -7.15
C PRO B 149 7.25 -16.70 -7.91
N LEU B 150 6.15 -17.35 -7.52
CA LEU B 150 5.67 -18.53 -8.25
C LEU B 150 5.16 -18.12 -9.63
N LYS B 151 4.25 -17.16 -9.67
CA LYS B 151 3.69 -16.72 -10.94
C LYS B 151 4.76 -16.09 -11.82
N GLU B 152 5.65 -15.30 -11.23
CA GLU B 152 6.64 -14.56 -12.00
C GLU B 152 7.91 -15.37 -12.25
N ASN B 153 7.92 -16.61 -11.77
CA ASN B 153 9.03 -17.53 -11.94
C ASN B 153 10.37 -16.91 -11.54
N LEU B 154 10.43 -16.35 -10.33
CA LEU B 154 11.62 -15.61 -9.87
C LEU B 154 12.59 -16.47 -9.09
N GLY B 155 12.22 -17.73 -8.88
CA GLY B 155 13.00 -18.67 -8.10
C GLY B 155 12.18 -19.27 -6.99
N ARG B 156 12.73 -20.28 -6.32
CA ARG B 156 12.07 -20.90 -5.18
C ARG B 156 12.13 -20.02 -3.92
N PRO B 157 10.97 -19.64 -3.39
CA PRO B 157 11.01 -18.82 -2.17
C PRO B 157 11.66 -19.55 -1.01
N LEU B 158 12.51 -18.82 -0.28
CA LEU B 158 13.16 -19.35 0.93
C LEU B 158 12.69 -18.59 2.16
N LEU B 159 12.58 -17.26 2.05
CA LEU B 159 12.10 -16.39 3.13
C LEU B 159 11.43 -15.17 2.50
N CYS B 160 10.46 -14.56 3.20
CA CYS B 160 9.95 -13.29 2.75
C CYS B 160 9.65 -12.36 3.90
N CYS B 161 9.59 -11.07 3.55
CA CYS B 161 9.23 -10.01 4.47
C CYS B 161 8.19 -9.14 3.77
N ASP B 162 7.04 -9.01 4.42
CA ASP B 162 5.94 -8.15 4.00
C ASP B 162 6.29 -6.67 4.21
N VAL B 163 6.19 -5.83 3.17
CA VAL B 163 6.36 -4.39 3.44
C VAL B 163 5.12 -3.56 3.06
N TRP B 164 3.97 -4.22 2.90
CA TRP B 164 2.69 -3.49 2.99
C TRP B 164 2.68 -2.72 4.30
N GLU B 165 2.09 -1.53 4.29
CA GLU B 165 2.13 -0.67 5.48
C GLU B 165 1.43 -1.32 6.68
N HIS B 166 0.43 -2.16 6.44
CA HIS B 166 -0.27 -2.78 7.57
C HIS B 166 0.63 -3.73 8.33
N ALA B 167 1.72 -4.19 7.71
CA ALA B 167 2.66 -5.07 8.39
C ALA B 167 3.36 -4.38 9.53
N TYR B 168 3.49 -3.05 9.49
CA TYR B 168 4.32 -2.37 10.47
C TYR B 168 3.72 -1.09 11.05
N TYR B 169 2.61 -0.61 10.50
CA TYR B 169 2.18 0.75 10.87
C TYR B 169 1.76 0.86 12.33
N ILE B 170 1.20 -0.20 12.89
CA ILE B 170 0.77 -0.12 14.30
C ILE B 170 1.98 0.13 15.20
N ASP B 171 3.08 -0.54 14.88
CA ASP B 171 4.25 -0.56 15.77
C ASP B 171 5.29 0.49 15.45
N TYR B 172 5.37 0.86 14.17
CA TYR B 172 6.47 1.69 13.68
C TYR B 172 6.02 2.90 12.88
N LYS B 173 4.71 2.99 12.62
CA LYS B 173 4.17 4.06 11.79
C LYS B 173 4.95 4.13 10.47
N ASN B 174 5.43 5.31 10.10
CA ASN B 174 6.11 5.45 8.80
C ASN B 174 7.51 4.87 8.78
N ASP B 175 8.01 4.47 9.94
CA ASP B 175 9.43 4.09 10.07
C ASP B 175 9.67 2.62 9.65
N ARG B 176 9.62 2.38 8.35
CA ARG B 176 9.76 1.02 7.84
C ARG B 176 11.15 0.49 8.17
N LEU B 177 12.14 1.38 8.19
CA LEU B 177 13.50 0.93 8.47
C LEU B 177 13.62 0.29 9.87
N SER B 178 12.90 0.84 10.86
CA SER B 178 12.94 0.21 12.19
C SER B 178 12.24 -1.13 12.22
N TYR B 179 11.16 -1.24 11.45
CA TYR B 179 10.50 -2.54 11.26
C TYR B 179 11.43 -3.58 10.64
N ILE B 180 12.13 -3.18 9.57
CA ILE B 180 13.09 -4.07 8.92
C ILE B 180 14.18 -4.50 9.91
N ASN B 181 14.71 -3.55 10.66
CA ASN B 181 15.75 -3.83 11.66
CA ASN B 181 15.77 -3.87 11.63
C ASN B 181 15.25 -4.89 12.63
N SER B 182 14.03 -4.71 13.12
CA SER B 182 13.39 -5.66 14.02
C SER B 182 13.15 -7.03 13.40
N TRP B 183 12.78 -7.05 12.11
CA TRP B 183 12.47 -8.31 11.45
C TRP B 183 13.69 -9.25 11.46
N TRP B 184 14.89 -8.70 11.41
CA TRP B 184 16.10 -9.53 11.44
C TRP B 184 16.18 -10.31 12.76
N ASN B 185 15.54 -9.81 13.81
CA ASN B 185 15.54 -10.54 15.08
C ASN B 185 14.57 -11.71 15.10
N LEU B 186 13.73 -11.79 14.09
CA LEU B 186 12.69 -12.80 14.00
C LEU B 186 12.92 -13.86 12.92
N VAL B 187 13.86 -13.62 12.03
CA VAL B 187 14.06 -14.49 10.85
CA VAL B 187 13.94 -14.46 10.85
C VAL B 187 14.22 -15.94 11.23
N ASN B 188 13.41 -16.82 10.63
CA ASN B 188 13.46 -18.23 10.94
C ASN B 188 14.31 -18.98 9.94
N TRP B 189 15.60 -19.16 10.25
CA TRP B 189 16.51 -19.81 9.32
C TRP B 189 16.12 -21.27 9.08
N ASP B 190 15.43 -21.88 10.04
CA ASP B 190 15.03 -23.26 9.86
CA ASP B 190 14.97 -23.27 9.89
C ASP B 190 14.03 -23.39 8.71
N PHE B 191 13.18 -22.39 8.52
CA PHE B 191 12.23 -22.41 7.42
C PHE B 191 13.01 -22.30 6.11
N ALA B 192 14.00 -21.40 6.06
CA ALA B 192 14.84 -21.28 4.85
C ALA B 192 15.50 -22.60 4.52
N ASN B 193 16.01 -23.28 5.54
CA ASN B 193 16.70 -24.56 5.31
C ASN B 193 15.73 -25.65 4.86
N LYS B 194 14.50 -25.64 5.40
CA LYS B 194 13.49 -26.59 4.91
C LYS B 194 13.16 -26.33 3.44
N ASN B 195 13.09 -25.05 3.07
CA ASN B 195 12.74 -24.69 1.69
C ASN B 195 13.87 -25.02 0.73
N LEU B 196 15.11 -25.03 1.22
CA LEU B 196 16.20 -25.52 0.39
C LEU B 196 16.05 -27.01 0.10
N GLU B 197 15.54 -27.78 1.07
CA GLU B 197 15.37 -29.22 0.86
C GLU B 197 14.26 -29.50 -0.15
N ALA B 198 13.16 -28.75 -0.03
CA ALA B 198 12.00 -28.95 -0.90
C ALA B 198 11.13 -27.71 -0.88
N PRO B 199 10.59 -27.33 -2.04
CA PRO B 199 9.72 -26.14 -2.07
C PRO B 199 8.55 -26.28 -1.11
N PHE B 200 8.24 -25.19 -0.43
CA PHE B 200 7.08 -25.10 0.43
C PHE B 200 5.82 -25.37 -0.39
N LYS B 201 4.97 -26.26 0.11
CA LYS B 201 3.65 -26.44 -0.49
C LYS B 201 2.62 -25.98 0.53
N TRP B 202 1.78 -25.04 0.13
CA TRP B 202 0.76 -24.49 1.01
C TRP B 202 -0.27 -25.56 1.38
N SER B 203 -0.68 -25.58 2.64
CA SER B 203 -1.73 -26.47 3.08
C SER B 203 -2.47 -25.85 4.26
FE FE C . -0.81 9.43 1.67
FE FE D . 0.39 -8.29 4.87
#